data_4CKA
#
_entry.id   4CKA
#
_cell.length_a   62.582
_cell.length_b   62.582
_cell.length_c   221.068
_cell.angle_alpha   90.00
_cell.angle_beta   90.00
_cell.angle_gamma   120.00
#
_symmetry.space_group_name_H-M   'P 31 2 1'
#
loop_
_entity.id
_entity.type
_entity.pdbx_description
1 polymer 'STEROL 14-ALPHA DEMETHYLASE'
2 non-polymer 'PROTOPORPHYRIN IX CONTAINING FE'
3 non-polymer '(1S)-1-(4-fluorophenyl)-2-(1H-imidazol-1-yl)ethyl 4-isopropylphenylcarbamate'
4 water water
#
_entity_poly.entity_id   1
_entity_poly.type   'polypeptide(L)'
_entity_poly.pdbx_seq_one_letter_code
;AKKTPPVYPVTVPFLGHIVQFGKNPLEFMQRCKRDLKSGVFTISIGGQRVTIVGDPHEHSRFFSPRNEILSPREVYTIMT
PVFGEGVAYAAPYPRMREQLNFLAEELTIAKFQNFVPAIQHEVRKFMAENWKEDEGVINLLEDCGAMIINTACQCLFGED
LRKRLNARHFAQLLSKMESSLIPAAVFMPWLLRLPLPQSARCREARAELQKILGEIIVAREKEEASKDNNTSDLLGGLLK
AVYRDGTRMSLHEVCGMIVAAMFAGQHTSTITTSWSMLHLMHPKNKKWLDKLHKEIDEFPAQLNYDNVMDEMPFAERCVR
ESIRRDPPLLMVMRMVKAEVKVGSYVVPKGDIIACSPLLSHHDEEAFPNPRLWDPERDEKVDGAFIGFGAGVHKCIGQKF
ALLQVKTILATAFREYDFQLLRDEVPDPDYHTMVVGPTLNQCLVKYTRKKKLPSHHHHHH
;
_entity_poly.pdbx_strand_id   A
#
# COMPACT_ATOMS: atom_id res chain seq x y z
N LYS A 2 2.38 11.23 -35.52
CA LYS A 2 1.12 10.41 -35.39
C LYS A 2 1.27 9.15 -34.51
N LYS A 3 2.45 8.96 -33.93
CA LYS A 3 2.86 7.64 -33.48
C LYS A 3 3.23 7.50 -31.99
N THR A 4 3.50 8.62 -31.29
CA THR A 4 4.11 8.50 -29.95
C THR A 4 4.15 9.84 -29.21
N PRO A 5 3.93 9.81 -27.87
CA PRO A 5 3.96 11.05 -27.12
C PRO A 5 5.32 11.69 -27.09
N PRO A 6 5.40 12.93 -26.59
CA PRO A 6 6.63 13.69 -26.52
C PRO A 6 7.70 13.00 -25.74
N VAL A 7 8.90 13.59 -25.76
CA VAL A 7 10.00 13.13 -24.96
C VAL A 7 10.61 14.29 -24.19
N TYR A 8 11.16 13.99 -23.03
CA TYR A 8 11.78 15.02 -22.22
C TYR A 8 13.30 15.07 -22.48
N PRO A 9 13.88 16.28 -22.53
CA PRO A 9 15.33 16.47 -22.61
C PRO A 9 16.16 15.74 -21.53
N VAL A 10 17.25 15.11 -21.97
CA VAL A 10 18.22 14.46 -21.09
C VAL A 10 19.61 15.02 -21.40
N THR A 11 20.22 15.67 -20.41
CA THR A 11 21.55 16.26 -20.61
C THR A 11 22.60 15.16 -20.89
N VAL A 12 22.62 14.12 -20.06
CA VAL A 12 23.56 13.00 -20.21
C VAL A 12 22.78 11.69 -20.22
N PRO A 13 22.94 10.87 -21.28
CA PRO A 13 22.08 9.70 -21.54
C PRO A 13 22.15 8.49 -20.56
N PHE A 14 23.32 8.16 -20.03
CA PHE A 14 23.45 6.96 -19.17
C PHE A 14 22.74 7.13 -17.83
N LEU A 15 22.72 8.37 -17.33
CA LEU A 15 22.00 8.78 -16.13
C LEU A 15 20.49 8.70 -16.22
N GLY A 16 19.93 9.04 -17.37
CA GLY A 16 18.54 8.82 -17.65
C GLY A 16 17.51 9.40 -16.69
N HIS A 17 17.77 10.58 -16.16
CA HIS A 17 16.80 11.24 -15.27
C HIS A 17 16.79 10.68 -13.86
N ILE A 18 17.74 9.81 -13.58
CA ILE A 18 17.74 9.00 -12.36
C ILE A 18 17.87 9.85 -11.10
N VAL A 19 18.75 10.83 -11.11
CA VAL A 19 18.94 11.66 -9.94
C VAL A 19 17.89 12.77 -9.88
N GLN A 20 17.46 13.22 -11.06
CA GLN A 20 16.39 14.21 -11.19
C GLN A 20 15.04 13.68 -10.62
N PHE A 21 14.76 12.40 -10.84
CA PHE A 21 13.56 11.78 -10.30
C PHE A 21 13.75 11.67 -8.79
N GLY A 22 14.74 10.88 -8.39
CA GLY A 22 14.94 10.51 -6.98
C GLY A 22 15.08 11.68 -6.04
N LYS A 23 15.56 12.83 -6.55
CA LYS A 23 15.66 14.01 -5.70
C LYS A 23 14.27 14.37 -5.23
N ASN A 24 13.44 14.74 -6.20
CA ASN A 24 12.02 14.83 -5.96
C ASN A 24 11.33 14.27 -7.19
N PRO A 25 10.47 13.27 -7.01
CA PRO A 25 9.85 12.75 -8.21
C PRO A 25 8.57 13.55 -8.55
N LEU A 26 7.93 14.12 -7.53
CA LEU A 26 6.75 14.96 -7.74
C LEU A 26 7.16 16.20 -8.54
N GLU A 27 7.99 17.05 -7.90
CA GLU A 27 8.57 18.25 -8.51
C GLU A 27 9.03 17.96 -9.89
N PHE A 28 9.80 16.88 -10.02
CA PHE A 28 10.27 16.48 -11.32
C PHE A 28 9.11 16.42 -12.25
N MET A 29 8.18 15.51 -11.96
CA MET A 29 7.14 15.11 -12.88
C MET A 29 6.22 16.27 -13.22
N GLN A 30 5.92 17.10 -12.21
CA GLN A 30 5.05 18.25 -12.40
C GLN A 30 5.70 19.25 -13.31
N ARG A 31 7.03 19.30 -13.24
CA ARG A 31 7.82 20.15 -14.14
C ARG A 31 7.82 19.62 -15.55
N CYS A 32 7.92 18.31 -15.70
CA CYS A 32 7.87 17.74 -17.03
C CYS A 32 6.53 18.04 -17.66
N LYS A 33 5.48 17.90 -16.85
CA LYS A 33 4.13 18.03 -17.37
C LYS A 33 3.92 19.44 -17.92
N ARG A 34 4.03 20.41 -17.04
CA ARG A 34 3.89 21.80 -17.39
C ARG A 34 4.73 22.13 -18.63
N ASP A 35 6.05 22.14 -18.47
CA ASP A 35 6.98 22.49 -19.56
C ASP A 35 6.58 21.80 -20.84
N LEU A 36 6.45 20.48 -20.78
CA LEU A 36 6.19 19.71 -21.96
C LEU A 36 4.75 19.93 -22.41
N LYS A 37 4.05 20.87 -21.76
CA LYS A 37 2.70 21.24 -22.13
C LYS A 37 1.85 19.99 -22.41
N SER A 38 1.91 19.02 -21.50
CA SER A 38 1.22 17.77 -21.73
C SER A 38 1.28 16.87 -20.52
N GLY A 39 0.15 16.19 -20.29
CA GLY A 39 -0.03 15.31 -19.14
C GLY A 39 0.54 13.94 -19.36
N VAL A 40 0.44 13.44 -20.59
CA VAL A 40 1.15 12.25 -21.03
C VAL A 40 2.50 12.69 -21.61
N PHE A 41 3.55 11.92 -21.31
CA PHE A 41 4.91 12.26 -21.71
C PHE A 41 5.91 11.18 -21.35
N THR A 42 6.98 11.11 -22.15
CA THR A 42 7.94 10.01 -22.08
C THR A 42 9.29 10.46 -21.56
N ILE A 43 9.66 9.98 -20.37
CA ILE A 43 10.99 10.21 -19.83
C ILE A 43 11.88 8.99 -20.12
N SER A 44 13.18 9.21 -20.13
CA SER A 44 14.16 8.12 -20.28
C SER A 44 14.82 7.80 -18.95
N ILE A 45 14.99 6.51 -18.69
CA ILE A 45 15.84 6.04 -17.59
C ILE A 45 16.86 5.06 -18.16
N GLY A 46 18.14 5.46 -18.11
CA GLY A 46 19.24 4.71 -18.74
C GLY A 46 19.01 4.34 -20.20
N GLY A 47 18.53 5.29 -21.00
CA GLY A 47 18.16 5.02 -22.39
C GLY A 47 16.93 4.11 -22.53
N GLN A 48 16.36 3.70 -21.40
CA GLN A 48 15.09 2.99 -21.37
C GLN A 48 13.98 4.04 -21.30
N ARG A 49 13.08 3.98 -22.28
CA ARG A 49 11.98 4.92 -22.41
C ARG A 49 10.86 4.60 -21.43
N VAL A 50 10.54 5.56 -20.57
CA VAL A 50 9.47 5.42 -19.61
C VAL A 50 8.41 6.47 -19.89
N THR A 51 7.29 6.04 -20.49
CA THR A 51 6.15 6.95 -20.71
C THR A 51 5.09 6.90 -19.59
N ILE A 52 4.95 8.04 -18.93
CA ILE A 52 4.01 8.25 -17.84
C ILE A 52 2.61 8.71 -18.36
N VAL A 53 1.53 8.06 -17.87
CA VAL A 53 0.14 8.48 -18.18
C VAL A 53 -0.31 9.42 -17.07
N GLY A 54 -0.04 10.71 -17.26
CA GLY A 54 -0.09 11.73 -16.18
C GLY A 54 -1.23 12.72 -16.35
N ASP A 55 -2.12 12.38 -17.27
CA ASP A 55 -3.37 13.10 -17.45
C ASP A 55 -4.50 12.20 -16.94
N PRO A 56 -5.13 12.58 -15.83
CA PRO A 56 -6.14 11.80 -15.17
C PRO A 56 -7.22 11.24 -16.10
N HIS A 57 -7.67 12.03 -17.08
CA HIS A 57 -8.66 11.58 -18.05
C HIS A 57 -8.33 10.25 -18.71
N GLU A 58 -7.06 9.84 -18.69
CA GLU A 58 -6.64 8.68 -19.53
C GLU A 58 -6.42 7.45 -18.71
N HIS A 59 -6.63 7.56 -17.41
CA HIS A 59 -6.32 6.46 -16.53
C HIS A 59 -6.87 5.13 -17.06
N SER A 60 -8.05 5.18 -17.67
CA SER A 60 -8.69 4.01 -18.22
C SER A 60 -7.75 3.33 -19.18
N ARG A 61 -6.85 4.11 -19.80
CA ARG A 61 -6.06 3.58 -20.91
C ARG A 61 -5.01 2.64 -20.35
N PHE A 62 -4.47 3.03 -19.21
CA PHE A 62 -3.46 2.28 -18.51
C PHE A 62 -4.03 1.11 -17.77
N PHE A 63 -5.21 1.27 -17.17
CA PHE A 63 -5.68 0.22 -16.26
C PHE A 63 -6.64 -0.78 -16.89
N SER A 64 -7.27 -0.44 -18.02
CA SER A 64 -8.25 -1.34 -18.65
C SER A 64 -7.67 -2.51 -19.43
N PRO A 65 -6.59 -2.28 -20.20
CA PRO A 65 -6.12 -3.35 -21.06
C PRO A 65 -5.53 -4.50 -20.29
N ARG A 66 -5.83 -5.73 -20.72
CA ARG A 66 -5.46 -6.94 -19.99
C ARG A 66 -3.93 -7.15 -19.94
N ASN A 67 -3.46 -8.12 -19.16
CA ASN A 67 -2.03 -8.27 -18.90
C ASN A 67 -1.24 -8.55 -20.18
N GLU A 68 -1.85 -9.32 -21.08
CA GLU A 68 -1.27 -9.64 -22.40
C GLU A 68 -0.92 -8.40 -23.23
N ILE A 69 -1.68 -7.32 -23.10
CA ILE A 69 -1.37 -6.08 -23.78
C ILE A 69 -0.45 -5.21 -22.92
N LEU A 70 -0.82 -5.00 -21.66
CA LEU A 70 0.05 -4.30 -20.73
C LEU A 70 0.42 -5.25 -19.60
N SER A 71 1.63 -5.79 -19.68
CA SER A 71 2.09 -6.83 -18.78
C SER A 71 2.81 -6.22 -17.60
N PRO A 72 2.45 -6.62 -16.36
CA PRO A 72 3.15 -6.15 -15.17
C PRO A 72 4.39 -6.96 -14.82
N ARG A 73 4.44 -8.20 -15.27
CA ARG A 73 5.48 -9.11 -14.84
C ARG A 73 6.89 -8.58 -14.94
N GLU A 74 7.22 -8.04 -16.11
CA GLU A 74 8.62 -7.72 -16.44
C GLU A 74 9.16 -6.54 -15.61
N VAL A 75 8.25 -5.74 -15.07
CA VAL A 75 8.62 -4.60 -14.24
C VAL A 75 8.85 -5.06 -12.81
N TYR A 76 7.98 -5.97 -12.34
CA TYR A 76 7.98 -6.35 -10.93
C TYR A 76 8.77 -7.66 -10.71
N THR A 77 9.77 -7.92 -11.55
CA THR A 77 10.57 -9.16 -11.43
C THR A 77 11.34 -9.12 -10.10
N ILE A 78 11.59 -7.91 -9.67
CA ILE A 78 12.33 -7.63 -8.47
C ILE A 78 11.82 -8.48 -7.33
N MET A 79 10.51 -8.75 -7.31
CA MET A 79 9.84 -9.40 -6.18
C MET A 79 9.88 -10.91 -6.18
N THR A 80 10.35 -11.51 -7.27
CA THR A 80 10.28 -12.97 -7.38
C THR A 80 10.87 -13.66 -6.12
N PRO A 81 12.08 -13.23 -5.66
CA PRO A 81 12.72 -13.82 -4.49
C PRO A 81 11.98 -13.61 -3.18
N VAL A 82 11.11 -12.60 -3.11
CA VAL A 82 10.31 -12.37 -1.91
C VAL A 82 9.04 -13.20 -1.97
N PHE A 83 8.38 -13.20 -3.11
CA PHE A 83 7.09 -13.87 -3.20
C PHE A 83 7.30 -15.36 -3.40
N GLY A 84 8.05 -15.70 -4.45
CA GLY A 84 8.22 -17.07 -4.88
C GLY A 84 8.46 -17.09 -6.36
N GLU A 85 8.88 -18.25 -6.85
CA GLU A 85 9.13 -18.41 -8.27
C GLU A 85 7.92 -19.17 -8.81
N GLY A 86 7.06 -18.44 -9.50
CA GLY A 86 5.78 -18.98 -9.96
C GLY A 86 4.65 -18.56 -9.04
N VAL A 87 4.81 -17.41 -8.40
CA VAL A 87 3.79 -16.80 -7.56
C VAL A 87 3.61 -15.36 -8.03
N ALA A 88 2.38 -14.86 -7.92
CA ALA A 88 2.07 -13.49 -8.33
C ALA A 88 2.62 -13.26 -9.74
N TYR A 89 3.41 -12.21 -9.93
CA TYR A 89 3.85 -11.85 -11.27
C TYR A 89 4.72 -12.94 -11.85
N ALA A 90 5.60 -13.47 -11.03
CA ALA A 90 6.50 -14.53 -11.45
C ALA A 90 5.77 -15.73 -11.98
N ALA A 91 4.57 -15.98 -11.47
CA ALA A 91 3.66 -17.00 -12.01
C ALA A 91 3.16 -16.57 -13.40
N PRO A 92 2.48 -17.49 -14.12
CA PRO A 92 1.73 -17.11 -15.32
C PRO A 92 0.37 -16.48 -14.97
N TYR A 93 -0.11 -15.61 -15.85
CA TYR A 93 -1.26 -14.73 -15.56
C TYR A 93 -2.55 -15.48 -15.26
N PRO A 94 -2.94 -16.44 -16.12
CA PRO A 94 -4.18 -17.18 -15.85
C PRO A 94 -4.12 -17.81 -14.48
N ARG A 95 -2.96 -18.35 -14.14
CA ARG A 95 -2.73 -18.89 -12.81
C ARG A 95 -2.73 -17.83 -11.74
N MET A 96 -2.08 -16.72 -12.00
CA MET A 96 -1.96 -15.72 -10.98
C MET A 96 -3.34 -15.31 -10.59
N ARG A 97 -4.21 -15.23 -11.57
CA ARG A 97 -5.52 -14.70 -11.33
C ARG A 97 -6.17 -15.54 -10.27
N GLU A 98 -5.94 -16.83 -10.32
CA GLU A 98 -6.57 -17.73 -9.36
C GLU A 98 -6.06 -17.47 -7.96
N GLN A 99 -4.78 -17.12 -7.87
CA GLN A 99 -4.19 -16.70 -6.61
C GLN A 99 -4.84 -15.40 -6.15
N LEU A 100 -4.91 -14.42 -7.02
CA LEU A 100 -5.63 -13.22 -6.63
C LEU A 100 -6.99 -13.60 -6.00
N ASN A 101 -7.80 -14.35 -6.74
CA ASN A 101 -9.13 -14.68 -6.25
C ASN A 101 -9.08 -15.44 -4.93
N PHE A 102 -8.12 -16.36 -4.81
CA PHE A 102 -7.93 -17.12 -3.57
C PHE A 102 -7.79 -16.16 -2.41
N LEU A 103 -6.82 -15.25 -2.54
CA LEU A 103 -6.58 -14.25 -1.53
C LEU A 103 -7.79 -13.39 -1.34
N ALA A 104 -8.40 -12.97 -2.43
CA ALA A 104 -9.59 -12.13 -2.35
C ALA A 104 -10.71 -12.87 -1.64
N GLU A 105 -10.77 -14.19 -1.82
CA GLU A 105 -11.74 -15.00 -1.10
C GLU A 105 -11.26 -15.37 0.32
N GLU A 106 -10.42 -14.52 0.90
CA GLU A 106 -10.06 -14.59 2.32
C GLU A 106 -10.30 -13.26 3.03
N LEU A 107 -10.24 -12.17 2.27
CA LEU A 107 -10.63 -10.85 2.76
C LEU A 107 -12.11 -10.56 2.45
N THR A 108 -12.88 -11.58 2.07
CA THR A 108 -14.27 -11.34 1.73
C THR A 108 -14.96 -10.82 2.97
N ILE A 109 -15.99 -10.05 2.75
CA ILE A 109 -16.69 -9.38 3.80
C ILE A 109 -17.30 -10.41 4.73
N ALA A 110 -17.34 -11.66 4.30
CA ALA A 110 -17.70 -12.75 5.23
C ALA A 110 -16.73 -12.86 6.43
N LYS A 111 -15.44 -13.00 6.15
CA LYS A 111 -14.41 -13.14 7.20
C LYS A 111 -14.05 -11.85 7.97
N PHE A 112 -14.74 -10.75 7.70
CA PHE A 112 -14.50 -9.45 8.37
C PHE A 112 -15.29 -9.29 9.65
N GLN A 113 -16.08 -10.30 10.01
CA GLN A 113 -17.04 -10.11 11.12
C GLN A 113 -16.29 -10.17 12.43
N ASN A 114 -15.25 -10.96 12.49
CA ASN A 114 -14.44 -11.09 13.70
C ASN A 114 -13.14 -10.30 13.64
N PHE A 115 -13.08 -9.31 12.75
CA PHE A 115 -11.86 -8.54 12.51
C PHE A 115 -11.89 -7.29 13.32
N VAL A 116 -12.99 -6.58 13.26
CA VAL A 116 -13.03 -5.29 13.89
C VAL A 116 -12.71 -5.41 15.35
N PRO A 117 -13.41 -6.38 16.07
CA PRO A 117 -13.09 -6.36 17.50
C PRO A 117 -11.69 -6.83 17.65
N ALA A 118 -11.38 -7.86 16.91
CA ALA A 118 -10.04 -8.46 17.01
C ALA A 118 -8.93 -7.46 16.83
N ILE A 119 -9.09 -6.56 15.87
CA ILE A 119 -8.06 -5.54 15.73
C ILE A 119 -8.22 -4.50 16.84
N GLN A 120 -9.45 -4.26 17.29
CA GLN A 120 -9.67 -3.20 18.31
C GLN A 120 -8.97 -3.53 19.60
N HIS A 121 -9.10 -4.79 20.00
CA HIS A 121 -8.45 -5.31 21.18
C HIS A 121 -6.93 -5.18 21.12
N GLU A 122 -6.34 -5.62 20.01
CA GLU A 122 -4.87 -5.60 19.84
C GLU A 122 -4.30 -4.19 19.78
N VAL A 123 -5.13 -3.22 19.43
CA VAL A 123 -4.71 -1.82 19.44
C VAL A 123 -4.42 -1.45 20.89
N ARG A 124 -5.40 -1.70 21.76
CA ARG A 124 -5.26 -1.38 23.20
C ARG A 124 -4.07 -2.11 23.81
N LYS A 125 -3.96 -3.40 23.50
CA LYS A 125 -2.85 -4.17 23.99
C LYS A 125 -1.57 -3.41 23.80
N PHE A 126 -1.34 -2.94 22.58
CA PHE A 126 -0.16 -2.13 22.26
C PHE A 126 -0.14 -0.78 23.00
N MET A 127 -1.28 -0.10 23.05
CA MET A 127 -1.40 1.21 23.69
C MET A 127 -1.09 1.09 25.20
N ALA A 128 -2.00 0.45 25.93
CA ALA A 128 -1.80 0.19 27.36
C ALA A 128 -0.40 -0.36 27.74
N GLU A 129 0.31 -0.98 26.79
CA GLU A 129 1.63 -1.57 27.04
C GLU A 129 2.82 -0.78 26.48
N ASN A 130 2.59 0.13 25.54
CA ASN A 130 3.68 0.96 25.03
C ASN A 130 3.49 2.45 25.29
N TRP A 131 2.25 2.90 25.34
CA TRP A 131 1.98 4.30 25.70
C TRP A 131 1.49 4.26 27.12
N LYS A 132 2.45 4.20 28.03
CA LYS A 132 2.20 3.88 29.43
C LYS A 132 1.76 5.09 30.23
N GLU A 133 2.48 6.20 30.08
CA GLU A 133 2.25 7.42 30.88
C GLU A 133 1.06 8.21 30.34
N ASP A 134 0.75 9.35 30.96
CA ASP A 134 -0.26 10.28 30.44
C ASP A 134 0.39 11.48 29.75
N GLU A 135 1.67 11.32 29.41
CA GLU A 135 2.47 12.35 28.78
C GLU A 135 3.41 11.59 27.86
N GLY A 136 3.34 11.91 26.56
CA GLY A 136 3.80 10.99 25.53
C GLY A 136 4.99 11.29 24.64
N VAL A 137 5.65 10.19 24.25
CA VAL A 137 6.54 10.14 23.09
C VAL A 137 6.04 9.03 22.17
N ILE A 138 6.15 9.27 20.87
CA ILE A 138 5.88 8.26 19.89
C ILE A 138 6.78 8.61 18.73
N ASN A 139 7.35 7.60 18.08
CA ASN A 139 7.65 7.74 16.69
C ASN A 139 6.48 7.11 15.94
N LEU A 140 5.49 7.95 15.60
CA LEU A 140 4.21 7.46 15.08
C LEU A 140 4.39 6.50 13.90
N LEU A 141 5.28 6.85 12.98
CA LEU A 141 5.59 5.98 11.86
C LEU A 141 5.96 4.59 12.40
N GLU A 142 6.87 4.53 13.37
CA GLU A 142 7.34 3.21 13.86
C GLU A 142 6.32 2.51 14.74
N ASP A 143 5.49 3.30 15.41
CA ASP A 143 4.49 2.75 16.31
C ASP A 143 3.32 2.18 15.52
N CYS A 144 2.74 2.99 14.64
CA CYS A 144 1.77 2.48 13.68
C CYS A 144 2.33 1.18 13.00
N GLY A 145 3.56 1.23 12.47
CA GLY A 145 4.22 0.08 11.84
C GLY A 145 3.98 -1.27 12.51
N ALA A 146 3.86 -1.23 13.84
CA ALA A 146 3.71 -2.41 14.71
C ALA A 146 2.25 -2.71 14.99
N MET A 147 1.49 -1.68 15.32
CA MET A 147 0.03 -1.82 15.44
C MET A 147 -0.57 -2.52 14.19
N ILE A 148 -0.10 -2.09 13.02
CA ILE A 148 -0.61 -2.62 11.80
C ILE A 148 -0.20 -4.07 11.65
N ILE A 149 1.09 -4.34 11.78
CA ILE A 149 1.53 -5.73 11.59
C ILE A 149 1.10 -6.65 12.73
N ASN A 150 0.59 -6.08 13.82
CA ASN A 150 0.06 -6.89 14.87
C ASN A 150 -1.35 -7.20 14.49
N THR A 151 -2.16 -6.15 14.29
CA THR A 151 -3.61 -6.31 14.09
C THR A 151 -3.97 -7.16 12.88
N ALA A 152 -3.12 -7.08 11.88
CA ALA A 152 -3.25 -7.91 10.72
C ALA A 152 -2.97 -9.35 11.02
N CYS A 153 -1.89 -9.58 11.73
CA CYS A 153 -1.54 -10.93 12.09
C CYS A 153 -2.64 -11.42 12.96
N GLN A 154 -3.02 -10.57 13.88
CA GLN A 154 -4.12 -10.89 14.75
C GLN A 154 -5.35 -11.25 13.95
N CYS A 155 -5.60 -10.50 12.86
CA CYS A 155 -6.77 -10.73 12.01
C CYS A 155 -6.68 -11.99 11.15
N LEU A 156 -5.48 -12.37 10.72
CA LEU A 156 -5.34 -13.40 9.70
C LEU A 156 -4.55 -14.63 10.13
N PHE A 157 -3.84 -14.52 11.24
CA PHE A 157 -3.05 -15.62 11.75
C PHE A 157 -3.86 -16.31 12.85
N GLY A 158 -4.05 -17.62 12.69
CA GLY A 158 -4.80 -18.39 13.67
C GLY A 158 -3.98 -18.64 14.93
N GLU A 159 -4.67 -18.86 16.05
CA GLU A 159 -4.06 -18.89 17.41
C GLU A 159 -2.81 -19.77 17.55
N ASP A 160 -2.84 -20.91 16.86
CA ASP A 160 -1.72 -21.84 16.83
C ASP A 160 -0.53 -21.31 16.02
N LEU A 161 -0.85 -20.52 14.99
CA LEU A 161 0.16 -19.97 14.08
C LEU A 161 1.00 -18.92 14.79
N ARG A 162 0.28 -18.01 15.44
CA ARG A 162 0.87 -16.85 16.07
C ARG A 162 1.77 -17.32 17.17
N LYS A 163 1.20 -18.11 18.08
CA LYS A 163 1.96 -18.69 19.19
C LYS A 163 3.29 -19.26 18.73
N ARG A 164 3.35 -19.82 17.54
CA ARG A 164 4.64 -20.18 16.95
C ARG A 164 5.33 -19.02 16.20
N LEU A 165 4.58 -18.08 15.64
CA LEU A 165 5.14 -16.93 14.91
C LEU A 165 4.51 -15.62 15.33
N ASN A 166 5.12 -15.01 16.33
CA ASN A 166 4.63 -13.75 16.87
C ASN A 166 4.60 -12.61 15.83
N ALA A 167 3.66 -11.71 16.03
CA ALA A 167 3.51 -10.54 15.20
C ALA A 167 4.82 -9.74 15.23
N ARG A 168 5.18 -9.33 16.45
CA ARG A 168 6.42 -8.58 16.69
C ARG A 168 7.59 -9.03 15.84
N HIS A 169 7.72 -10.32 15.61
CA HIS A 169 8.86 -10.81 14.85
C HIS A 169 8.52 -11.59 13.61
N PHE A 170 7.24 -11.60 13.21
CA PHE A 170 6.92 -11.94 11.83
C PHE A 170 7.49 -10.79 11.01
N ALA A 171 7.37 -9.59 11.56
CA ALA A 171 7.86 -8.38 10.95
C ALA A 171 9.30 -8.60 10.60
N GLN A 172 10.09 -8.92 11.61
CA GLN A 172 11.52 -9.10 11.46
C GLN A 172 11.85 -9.91 10.23
N LEU A 173 11.00 -10.88 9.91
CA LEU A 173 11.20 -11.65 8.68
C LEU A 173 10.86 -10.82 7.45
N LEU A 174 9.69 -10.17 7.45
CA LEU A 174 9.33 -9.32 6.32
C LEU A 174 10.46 -8.33 6.15
N SER A 175 10.76 -7.65 7.24
CA SER A 175 11.83 -6.67 7.30
C SER A 175 13.20 -7.21 6.93
N LYS A 176 13.39 -8.53 6.90
CA LYS A 176 14.62 -9.08 6.36
C LYS A 176 14.45 -9.31 4.85
N MET A 177 13.27 -9.80 4.46
CA MET A 177 12.93 -9.94 3.04
C MET A 177 12.95 -8.62 2.24
N GLU A 178 12.51 -7.53 2.84
CA GLU A 178 12.45 -6.29 2.10
C GLU A 178 13.88 -5.71 1.90
N SER A 179 14.79 -6.03 2.81
CA SER A 179 16.20 -5.64 2.66
C SER A 179 16.76 -6.06 1.31
N SER A 180 16.27 -7.16 0.75
CA SER A 180 16.68 -7.58 -0.60
C SER A 180 16.30 -6.54 -1.68
N LEU A 181 15.20 -5.81 -1.44
CA LEU A 181 14.67 -4.87 -2.42
C LEU A 181 15.27 -3.48 -2.22
N ILE A 182 15.86 -2.94 -3.28
CA ILE A 182 16.52 -1.63 -3.23
C ILE A 182 16.10 -0.83 -4.49
N PRO A 183 16.38 0.49 -4.54
CA PRO A 183 16.03 1.26 -5.73
C PRO A 183 16.85 0.86 -6.96
N ALA A 184 16.44 1.31 -8.15
CA ALA A 184 17.16 1.02 -9.38
C ALA A 184 17.19 -0.48 -9.69
N ALA A 185 16.06 -1.16 -9.45
CA ALA A 185 15.91 -2.58 -9.81
C ALA A 185 14.85 -2.81 -10.90
N VAL A 186 14.03 -1.79 -11.16
CA VAL A 186 12.88 -1.88 -12.06
C VAL A 186 13.24 -1.71 -13.55
N PHE A 187 14.38 -1.08 -13.81
CA PHE A 187 14.80 -0.77 -15.18
C PHE A 187 16.18 -1.34 -15.54
N MET A 188 16.90 -1.94 -14.58
CA MET A 188 18.24 -2.44 -14.82
C MET A 188 18.18 -3.87 -15.32
N LEU A 196 24.29 -13.32 -5.09
CA LEU A 196 24.01 -12.20 -4.21
C LEU A 196 23.74 -12.73 -2.79
N PRO A 197 24.51 -12.27 -1.78
CA PRO A 197 24.19 -12.65 -0.40
C PRO A 197 22.72 -12.44 -0.02
N GLN A 198 22.19 -11.26 -0.33
CA GLN A 198 20.79 -10.91 -0.06
C GLN A 198 19.74 -11.78 -0.77
N SER A 199 20.05 -12.29 -1.96
CA SER A 199 19.20 -13.29 -2.60
C SER A 199 19.05 -14.51 -1.67
N ALA A 200 20.15 -14.89 -1.00
CA ALA A 200 20.15 -15.97 0.00
C ALA A 200 19.82 -15.47 1.42
N ARG A 201 20.23 -14.24 1.74
CA ARG A 201 19.95 -13.62 3.04
C ARG A 201 18.48 -13.27 3.23
N CYS A 202 17.75 -13.17 2.11
CA CYS A 202 16.28 -13.13 2.12
C CYS A 202 15.71 -14.54 1.88
N ARG A 203 16.31 -15.30 0.97
CA ARG A 203 15.96 -16.71 0.79
C ARG A 203 15.95 -17.47 2.10
N GLU A 204 16.91 -17.16 2.98
CA GLU A 204 16.98 -17.82 4.27
C GLU A 204 15.79 -17.44 5.13
N ALA A 205 15.35 -16.19 5.04
CA ALA A 205 14.18 -15.74 5.80
C ALA A 205 12.87 -16.27 5.23
N ARG A 206 12.85 -16.60 3.94
CA ARG A 206 11.71 -17.31 3.37
C ARG A 206 11.74 -18.78 3.76
N ALA A 207 12.87 -19.42 3.48
CA ALA A 207 13.08 -20.83 3.86
C ALA A 207 12.82 -21.07 5.36
N GLU A 208 13.16 -20.09 6.20
CA GLU A 208 12.81 -20.12 7.63
C GLU A 208 11.30 -20.14 7.78
N LEU A 209 10.63 -19.04 7.41
CA LEU A 209 9.15 -18.95 7.47
C LEU A 209 8.46 -20.16 6.84
N GLN A 210 8.93 -20.60 5.67
CA GLN A 210 8.31 -21.74 4.96
C GLN A 210 8.30 -22.99 5.83
N LYS A 211 9.47 -23.41 6.28
CA LYS A 211 9.55 -24.58 7.13
C LYS A 211 8.89 -24.36 8.50
N ILE A 212 8.74 -23.10 8.95
CA ILE A 212 7.90 -22.83 10.13
C ILE A 212 6.45 -23.10 9.70
N LEU A 213 6.11 -22.81 8.45
CA LEU A 213 4.75 -23.07 7.97
C LEU A 213 4.53 -24.57 7.87
N GLY A 214 5.25 -25.23 6.97
CA GLY A 214 5.13 -26.68 6.78
C GLY A 214 5.07 -27.49 8.08
N GLU A 215 5.63 -26.92 9.14
CA GLU A 215 5.70 -27.54 10.47
C GLU A 215 4.42 -27.31 11.30
N ILE A 216 3.57 -26.41 10.84
CA ILE A 216 2.27 -26.16 11.45
C ILE A 216 1.14 -26.91 10.70
N ILE A 217 1.32 -27.15 9.40
CA ILE A 217 0.34 -27.94 8.65
C ILE A 217 0.35 -29.41 9.11
N VAL A 218 1.52 -29.93 9.45
CA VAL A 218 1.60 -31.27 10.01
C VAL A 218 0.87 -31.33 11.34
N ALA A 219 0.94 -30.26 12.14
CA ALA A 219 0.16 -30.18 13.38
C ALA A 219 -1.34 -29.89 13.15
N ARG A 220 -1.72 -29.51 11.93
CA ARG A 220 -3.13 -29.28 11.61
C ARG A 220 -3.77 -30.61 11.14
N GLU A 221 -3.10 -31.27 10.20
CA GLU A 221 -3.59 -32.50 9.55
C GLU A 221 -3.95 -33.55 10.59
N LYS A 222 -2.96 -33.92 11.39
CA LYS A 222 -3.16 -34.84 12.50
C LYS A 222 -3.99 -34.16 13.61
N GLU A 223 -5.26 -33.86 13.30
CA GLU A 223 -6.11 -33.14 14.24
C GLU A 223 -7.57 -33.10 13.77
N SER A 232 -11.67 -20.62 10.34
CA SER A 232 -10.32 -20.77 9.85
C SER A 232 -9.75 -19.52 9.20
N ASP A 233 -8.41 -19.50 9.22
CA ASP A 233 -7.63 -18.31 8.97
C ASP A 233 -7.24 -18.27 7.49
N LEU A 234 -6.47 -17.24 7.14
CA LEU A 234 -5.93 -17.10 5.79
C LEU A 234 -5.17 -18.36 5.34
N LEU A 235 -4.26 -18.85 6.15
CA LEU A 235 -3.52 -20.05 5.84
C LEU A 235 -4.50 -21.18 5.55
N GLY A 236 -5.33 -21.48 6.54
CA GLY A 236 -6.35 -22.51 6.45
C GLY A 236 -7.13 -22.41 5.16
N GLY A 237 -7.72 -21.26 4.90
CA GLY A 237 -8.43 -21.06 3.64
C GLY A 237 -7.56 -21.39 2.44
N LEU A 238 -6.31 -20.92 2.45
CA LEU A 238 -5.43 -21.02 1.28
C LEU A 238 -5.09 -22.46 0.93
N LEU A 239 -5.01 -23.32 1.93
CA LEU A 239 -4.66 -24.72 1.68
C LEU A 239 -5.82 -25.50 1.04
N LYS A 240 -7.05 -25.23 1.50
CA LYS A 240 -8.27 -25.77 0.86
C LYS A 240 -8.55 -25.22 -0.55
N ALA A 241 -7.57 -24.55 -1.16
CA ALA A 241 -7.79 -23.94 -2.46
C ALA A 241 -7.35 -24.90 -3.54
N VAL A 242 -8.17 -25.02 -4.58
CA VAL A 242 -7.85 -25.92 -5.65
C VAL A 242 -7.93 -25.15 -6.95
N TYR A 243 -6.89 -25.30 -7.77
CA TYR A 243 -6.81 -24.63 -9.06
C TYR A 243 -7.86 -25.14 -10.06
N ARG A 244 -7.84 -24.58 -11.27
CA ARG A 244 -8.71 -25.02 -12.37
C ARG A 244 -8.46 -26.49 -12.71
N ASP A 245 -7.19 -26.83 -12.90
CA ASP A 245 -6.80 -28.19 -13.24
C ASP A 245 -6.85 -29.13 -12.02
N GLY A 246 -7.46 -28.69 -10.93
CA GLY A 246 -7.67 -29.53 -9.74
C GLY A 246 -6.45 -29.70 -8.86
N THR A 247 -5.34 -29.02 -9.20
CA THR A 247 -4.09 -29.11 -8.43
C THR A 247 -4.22 -28.23 -7.19
N ARG A 248 -3.41 -28.53 -6.19
CA ARG A 248 -3.36 -27.70 -4.99
C ARG A 248 -2.08 -26.87 -5.05
N MET A 249 -1.91 -26.00 -4.06
CA MET A 249 -0.77 -25.10 -4.05
C MET A 249 0.40 -25.75 -3.33
N SER A 250 1.59 -25.57 -3.88
CA SER A 250 2.80 -26.07 -3.22
C SER A 250 2.97 -25.39 -1.85
N LEU A 251 3.83 -25.98 -1.03
CA LEU A 251 4.17 -25.40 0.26
C LEU A 251 4.65 -23.95 0.05
N HIS A 252 5.54 -23.76 -0.91
CA HIS A 252 6.16 -22.45 -1.14
C HIS A 252 5.19 -21.48 -1.78
N GLU A 253 4.40 -22.01 -2.69
CA GLU A 253 3.34 -21.26 -3.33
C GLU A 253 2.51 -20.58 -2.25
N VAL A 254 2.03 -21.38 -1.31
CA VAL A 254 1.16 -20.89 -0.25
C VAL A 254 1.93 -19.93 0.64
N CYS A 255 3.16 -20.31 0.94
CA CYS A 255 4.01 -19.52 1.81
C CYS A 255 4.16 -18.12 1.28
N GLY A 256 4.47 -18.02 0.00
CA GLY A 256 4.54 -16.72 -0.67
C GLY A 256 3.26 -15.90 -0.57
N MET A 257 2.13 -16.49 -0.92
CA MET A 257 0.86 -15.76 -0.86
C MET A 257 0.56 -15.18 0.51
N ILE A 258 1.21 -15.70 1.55
CA ILE A 258 1.07 -15.11 2.85
C ILE A 258 2.03 -13.94 2.91
N VAL A 259 3.24 -14.16 2.43
CA VAL A 259 4.24 -13.10 2.36
C VAL A 259 3.68 -11.85 1.61
N ALA A 260 3.23 -12.05 0.37
CA ALA A 260 2.71 -10.96 -0.47
C ALA A 260 1.49 -10.29 0.16
N ALA A 261 0.61 -11.11 0.71
CA ALA A 261 -0.54 -10.57 1.38
C ALA A 261 0.03 -9.60 2.39
N MET A 262 0.99 -10.07 3.15
CA MET A 262 1.35 -9.40 4.39
C MET A 262 2.30 -8.23 4.16
N PHE A 263 3.27 -8.45 3.28
CA PHE A 263 4.11 -7.37 2.83
C PHE A 263 3.18 -6.26 2.38
N ALA A 264 2.24 -6.58 1.50
CA ALA A 264 1.47 -5.57 0.82
C ALA A 264 0.75 -4.65 1.79
N GLY A 265 0.24 -5.17 2.87
CA GLY A 265 -0.59 -4.36 3.73
C GLY A 265 0.14 -3.45 4.69
N GLN A 266 1.43 -3.69 4.86
CA GLN A 266 2.11 -3.29 6.08
C GLN A 266 2.71 -1.89 6.02
N HIS A 267 3.53 -1.62 5.02
CA HIS A 267 3.97 -0.24 4.84
C HIS A 267 2.84 0.71 4.42
N THR A 268 2.21 0.38 3.29
CA THR A 268 1.06 1.11 2.79
C THR A 268 0.04 1.46 3.92
N SER A 269 -0.28 0.50 4.80
CA SER A 269 -1.34 0.81 5.79
C SER A 269 -0.74 1.59 6.97
N THR A 270 0.45 1.19 7.36
CA THR A 270 1.14 1.91 8.39
C THR A 270 1.28 3.36 7.99
N ILE A 271 1.87 3.59 6.83
CA ILE A 271 1.98 4.93 6.27
C ILE A 271 0.64 5.66 6.15
N THR A 272 -0.39 4.97 5.67
CA THR A 272 -1.72 5.56 5.50
C THR A 272 -2.24 5.97 6.81
N THR A 273 -1.97 5.14 7.83
CA THR A 273 -2.46 5.43 9.17
C THR A 273 -1.67 6.59 9.75
N SER A 274 -0.35 6.47 9.71
CA SER A 274 0.55 7.54 10.17
C SER A 274 0.19 8.89 9.53
N TRP A 275 0.23 8.97 8.19
CA TRP A 275 -0.28 10.19 7.55
C TRP A 275 -1.62 10.57 8.17
N SER A 276 -2.56 9.66 8.21
CA SER A 276 -3.93 10.09 8.56
C SER A 276 -3.94 10.80 9.91
N MET A 277 -3.34 10.18 10.94
CA MET A 277 -3.34 10.74 12.30
C MET A 277 -2.61 12.10 12.38
N LEU A 278 -1.63 12.29 11.50
CA LEU A 278 -0.81 13.48 11.50
C LEU A 278 -1.62 14.69 11.12
N HIS A 279 -2.41 14.55 10.04
CA HIS A 279 -3.27 15.64 9.59
C HIS A 279 -4.27 15.94 10.69
N LEU A 280 -4.79 14.90 11.32
CA LEU A 280 -5.91 15.11 12.23
C LEU A 280 -5.44 15.73 13.50
N MET A 281 -4.23 15.37 13.93
CA MET A 281 -3.72 15.91 15.19
C MET A 281 -3.17 17.30 14.95
N HIS A 282 -3.07 17.70 13.70
CA HIS A 282 -2.63 19.05 13.38
C HIS A 282 -3.72 20.11 13.59
N PRO A 283 -3.39 21.18 14.34
CA PRO A 283 -4.34 22.26 14.67
C PRO A 283 -4.98 22.91 13.46
N LYS A 284 -4.16 23.17 12.45
CA LYS A 284 -4.68 23.66 11.17
C LYS A 284 -5.97 22.95 10.77
N ASN A 285 -6.06 21.66 11.10
CA ASN A 285 -7.14 20.77 10.70
C ASN A 285 -8.11 20.36 11.79
N LYS A 286 -8.07 21.01 12.94
CA LYS A 286 -8.84 20.54 14.08
C LYS A 286 -10.33 20.90 14.07
N LYS A 287 -10.89 21.27 12.92
CA LYS A 287 -12.35 21.20 12.73
C LYS A 287 -12.72 19.80 12.24
N TRP A 288 -11.79 19.21 11.49
CA TRP A 288 -12.00 17.90 10.93
C TRP A 288 -12.03 16.87 12.05
N LEU A 289 -11.01 16.89 12.90
CA LEU A 289 -10.96 16.01 14.07
C LEU A 289 -12.23 16.10 14.91
N ASP A 290 -12.74 17.31 15.09
CA ASP A 290 -13.98 17.48 15.85
C ASP A 290 -15.13 16.81 15.12
N LYS A 291 -15.06 16.80 13.79
CA LYS A 291 -16.05 16.08 12.99
C LYS A 291 -15.82 14.58 13.13
N LEU A 292 -14.56 14.18 13.22
CA LEU A 292 -14.23 12.81 13.51
C LEU A 292 -14.86 12.41 14.83
N HIS A 293 -14.86 13.33 15.79
CA HIS A 293 -15.39 13.01 17.11
C HIS A 293 -16.91 12.96 17.10
N LYS A 294 -17.54 13.95 16.46
CA LYS A 294 -19.01 13.94 16.33
C LYS A 294 -19.48 12.61 15.68
N GLU A 295 -18.59 11.98 14.91
CA GLU A 295 -18.84 10.68 14.26
C GLU A 295 -18.60 9.48 15.20
N ILE A 296 -17.50 9.49 15.95
CA ILE A 296 -17.16 8.32 16.79
C ILE A 296 -17.61 8.39 18.25
N ASP A 297 -18.31 9.44 18.66
CA ASP A 297 -18.46 9.74 20.10
C ASP A 297 -19.65 9.05 20.80
N GLU A 298 -20.70 8.74 20.05
CA GLU A 298 -21.78 7.91 20.57
C GLU A 298 -21.54 6.41 20.34
N PHE A 299 -20.41 6.07 19.73
CA PHE A 299 -19.99 4.68 19.66
C PHE A 299 -19.32 4.27 20.97
N PRO A 300 -19.65 3.08 21.48
CA PRO A 300 -19.02 2.59 22.69
C PRO A 300 -17.73 1.84 22.38
N ALA A 301 -17.03 1.39 23.41
CA ALA A 301 -15.79 0.65 23.24
C ALA A 301 -16.03 -0.65 22.48
N GLN A 302 -17.29 -1.05 22.36
CA GLN A 302 -17.68 -2.27 21.67
C GLN A 302 -17.82 -1.97 20.17
N LEU A 303 -16.71 -1.89 19.45
CA LEU A 303 -16.77 -1.67 18.01
C LEU A 303 -17.23 -2.94 17.32
N ASN A 304 -18.29 -2.85 16.54
CA ASN A 304 -18.71 -3.94 15.69
C ASN A 304 -18.57 -3.57 14.20
N TYR A 305 -18.71 -4.59 13.34
CA TYR A 305 -18.59 -4.45 11.89
C TYR A 305 -19.43 -3.29 11.41
N ASP A 306 -20.73 -3.35 11.68
CA ASP A 306 -21.66 -2.31 11.22
C ASP A 306 -21.16 -0.88 11.55
N ASN A 307 -20.43 -0.71 12.66
CA ASN A 307 -19.91 0.60 13.04
C ASN A 307 -18.84 1.15 12.10
N VAL A 308 -17.81 0.34 11.89
CA VAL A 308 -16.68 0.76 11.08
C VAL A 308 -17.07 0.87 9.61
N MET A 309 -17.92 -0.05 9.16
CA MET A 309 -18.27 -0.15 7.75
C MET A 309 -19.39 0.78 7.35
N ASP A 310 -20.44 0.91 8.15
CA ASP A 310 -21.62 1.63 7.69
C ASP A 310 -21.74 3.01 8.31
N GLU A 311 -21.03 3.23 9.40
CA GLU A 311 -21.24 4.44 10.22
C GLU A 311 -19.87 5.08 10.52
N MET A 312 -19.04 5.19 9.49
CA MET A 312 -17.77 5.88 9.62
C MET A 312 -17.34 6.49 8.25
N PRO A 313 -18.31 7.09 7.54
CA PRO A 313 -18.08 7.60 6.20
C PRO A 313 -17.08 8.74 6.14
N PHE A 314 -17.17 9.65 7.12
CA PHE A 314 -16.23 10.77 7.18
C PHE A 314 -14.84 10.29 7.55
N ALA A 315 -14.76 9.30 8.43
CA ALA A 315 -13.45 8.77 8.79
C ALA A 315 -12.79 8.17 7.55
N GLU A 316 -13.61 7.60 6.68
CA GLU A 316 -13.09 6.99 5.47
C GLU A 316 -12.57 8.07 4.54
N ARG A 317 -13.21 9.23 4.56
CA ARG A 317 -12.78 10.31 3.69
C ARG A 317 -11.42 10.84 4.15
N CYS A 318 -11.19 10.86 5.45
CA CYS A 318 -9.90 11.29 5.96
C CYS A 318 -8.84 10.34 5.46
N VAL A 319 -9.05 9.04 5.65
CA VAL A 319 -8.09 8.05 5.21
C VAL A 319 -7.84 8.12 3.71
N ARG A 320 -8.92 8.30 2.94
CA ARG A 320 -8.80 8.39 1.50
C ARG A 320 -8.01 9.61 1.07
N GLU A 321 -8.33 10.76 1.68
CA GLU A 321 -7.61 11.97 1.40
C GLU A 321 -6.15 11.86 1.81
N SER A 322 -5.87 11.19 2.93
CA SER A 322 -4.49 11.01 3.30
C SER A 322 -3.78 10.27 2.20
N ILE A 323 -4.41 9.25 1.62
CA ILE A 323 -3.77 8.49 0.54
C ILE A 323 -3.70 9.35 -0.71
N ARG A 324 -4.74 10.15 -0.94
CA ARG A 324 -4.80 11.01 -2.10
C ARG A 324 -3.60 11.93 -2.14
N ARG A 325 -3.34 12.61 -1.03
CA ARG A 325 -2.28 13.60 -0.95
C ARG A 325 -0.91 12.98 -0.96
N ASP A 326 -0.68 11.96 -0.15
CA ASP A 326 0.62 11.32 -0.16
C ASP A 326 0.57 9.82 -0.44
N PRO A 327 0.24 9.46 -1.67
CA PRO A 327 0.06 8.06 -1.89
C PRO A 327 1.36 7.33 -1.62
N PRO A 328 1.33 6.28 -0.80
CA PRO A 328 2.45 5.37 -0.67
C PRO A 328 3.00 4.69 -1.91
N LEU A 329 2.18 4.43 -2.92
CA LEU A 329 2.76 3.86 -4.12
C LEU A 329 2.78 4.92 -5.21
N LEU A 330 3.97 5.38 -5.56
CA LEU A 330 4.13 6.51 -6.48
C LEU A 330 3.94 6.18 -7.96
N MET A 331 4.28 4.97 -8.35
CA MET A 331 4.21 4.57 -9.71
C MET A 331 3.70 3.18 -9.69
N VAL A 332 2.97 2.83 -10.72
CA VAL A 332 2.70 1.46 -10.99
C VAL A 332 3.13 1.47 -12.40
N MET A 333 3.22 0.30 -13.00
CA MET A 333 3.93 0.17 -14.26
C MET A 333 3.57 -1.12 -14.92
N ARG A 334 3.73 -1.11 -16.24
CA ARG A 334 3.50 -2.28 -17.04
C ARG A 334 4.56 -2.28 -18.12
N MET A 335 4.55 -3.35 -18.91
CA MET A 335 5.46 -3.52 -20.04
C MET A 335 4.57 -3.72 -21.24
N VAL A 336 4.77 -2.85 -22.24
CA VAL A 336 3.88 -2.77 -23.38
C VAL A 336 4.16 -3.84 -24.45
N LYS A 337 3.46 -4.97 -24.36
CA LYS A 337 3.67 -6.10 -25.29
C LYS A 337 3.10 -5.81 -26.68
N ALA A 338 1.83 -5.40 -26.71
CA ALA A 338 1.21 -4.86 -27.92
C ALA A 338 1.14 -3.35 -27.75
N GLU A 339 0.85 -2.63 -28.84
CA GLU A 339 0.84 -1.16 -28.83
C GLU A 339 -0.52 -0.66 -28.40
N VAL A 340 -0.52 0.46 -27.69
CA VAL A 340 -1.74 1.03 -27.13
C VAL A 340 -1.81 2.53 -27.34
N LYS A 341 -3.03 3.04 -27.51
CA LYS A 341 -3.22 4.46 -27.74
C LYS A 341 -3.65 5.12 -26.41
N VAL A 342 -3.32 6.39 -26.23
CA VAL A 342 -3.58 7.12 -25.00
C VAL A 342 -3.72 8.59 -25.41
N GLY A 343 -4.95 9.10 -25.36
CA GLY A 343 -5.28 10.40 -25.94
C GLY A 343 -4.91 10.39 -27.42
N SER A 344 -4.31 11.48 -27.86
CA SER A 344 -3.87 11.59 -29.24
C SER A 344 -2.68 10.67 -29.48
N TYR A 345 -1.80 10.60 -28.47
CA TYR A 345 -0.53 9.89 -28.53
C TYR A 345 -0.70 8.38 -28.58
N VAL A 346 0.39 7.67 -28.87
CA VAL A 346 0.39 6.21 -28.90
C VAL A 346 1.63 5.69 -28.17
N VAL A 347 1.54 4.47 -27.67
CA VAL A 347 2.61 3.88 -26.90
C VAL A 347 3.08 2.60 -27.53
N PRO A 348 4.36 2.58 -27.99
CA PRO A 348 4.86 1.58 -28.91
C PRO A 348 5.45 0.39 -28.19
N LYS A 349 5.10 -0.80 -28.64
CA LYS A 349 5.47 -2.00 -27.94
C LYS A 349 6.98 -1.98 -27.68
N GLY A 350 7.37 -2.43 -26.49
CA GLY A 350 8.75 -2.31 -26.04
C GLY A 350 8.94 -1.21 -25.00
N ASP A 351 7.92 -0.37 -24.82
CA ASP A 351 7.98 0.73 -23.85
C ASP A 351 7.56 0.26 -22.43
N ILE A 352 8.05 0.92 -21.40
CA ILE A 352 7.54 0.71 -20.04
C ILE A 352 6.52 1.84 -19.83
N ILE A 353 5.26 1.45 -19.73
CA ILE A 353 4.20 2.42 -19.49
C ILE A 353 3.94 2.47 -18.01
N ALA A 354 3.87 3.67 -17.50
CA ALA A 354 3.62 3.88 -16.08
C ALA A 354 2.40 4.73 -15.84
N CYS A 355 1.97 4.79 -14.59
CA CYS A 355 0.85 5.63 -14.19
C CYS A 355 1.04 5.92 -12.74
N SER A 356 1.11 7.20 -12.39
CA SER A 356 1.56 7.62 -11.09
C SER A 356 0.44 8.22 -10.24
N PRO A 357 0.02 7.50 -9.20
CA PRO A 357 -0.86 8.11 -8.23
C PRO A 357 -0.38 9.44 -7.76
N LEU A 358 0.94 9.60 -7.64
CA LEU A 358 1.53 10.82 -7.02
C LEU A 358 1.30 12.04 -7.90
N LEU A 359 1.57 11.90 -9.19
CA LEU A 359 1.42 13.01 -10.12
C LEU A 359 -0.04 13.26 -10.33
N SER A 360 -0.77 12.19 -10.68
CA SER A 360 -2.19 12.24 -10.97
C SER A 360 -2.96 12.92 -9.88
N HIS A 361 -2.67 12.56 -8.63
CA HIS A 361 -3.38 13.19 -7.51
C HIS A 361 -2.92 14.62 -7.30
N HIS A 362 -2.10 15.13 -8.21
CA HIS A 362 -1.73 16.54 -8.17
C HIS A 362 -2.18 17.37 -9.36
N ASP A 363 -2.71 16.72 -10.40
CA ASP A 363 -3.40 17.45 -11.47
C ASP A 363 -4.37 18.48 -10.87
N GLU A 364 -4.48 19.66 -11.46
CA GLU A 364 -5.19 20.79 -10.80
C GLU A 364 -6.65 20.89 -11.12
N GLU A 365 -7.03 20.44 -12.31
CA GLU A 365 -8.44 20.29 -12.67
C GLU A 365 -9.08 19.32 -11.66
N ALA A 366 -8.42 18.17 -11.45
CA ALA A 366 -8.94 17.08 -10.63
C ALA A 366 -8.89 17.42 -9.16
N PHE A 367 -7.70 17.78 -8.70
CA PHE A 367 -7.50 18.13 -7.30
C PHE A 367 -6.96 19.55 -7.07
N PRO A 368 -7.85 20.55 -7.11
CA PRO A 368 -7.46 21.93 -6.80
C PRO A 368 -6.80 22.04 -5.43
N ASN A 369 -5.61 22.62 -5.35
CA ASN A 369 -4.88 22.73 -4.09
C ASN A 369 -4.39 21.36 -3.63
N PRO A 370 -3.62 20.69 -4.48
CA PRO A 370 -3.32 19.31 -4.19
C PRO A 370 -2.41 19.07 -3.00
N ARG A 371 -1.81 20.11 -2.43
CA ARG A 371 -1.10 19.90 -1.15
C ARG A 371 -1.97 20.22 0.01
N LEU A 372 -3.15 20.78 -0.23
CA LEU A 372 -4.12 20.94 0.86
C LEU A 372 -4.77 19.59 1.18
N TRP A 373 -5.09 19.38 2.44
CA TRP A 373 -5.75 18.16 2.88
C TRP A 373 -7.18 18.51 3.13
N ASP A 374 -8.06 18.13 2.19
CA ASP A 374 -9.48 18.36 2.35
C ASP A 374 -10.21 17.02 2.24
N PRO A 375 -10.50 16.39 3.39
CA PRO A 375 -11.26 15.13 3.36
C PRO A 375 -12.63 15.26 2.69
N GLU A 376 -13.27 16.41 2.82
CA GLU A 376 -14.55 16.63 2.12
C GLU A 376 -14.39 17.27 0.73
N ARG A 377 -13.26 17.01 0.06
CA ARG A 377 -13.16 17.38 -1.35
C ARG A 377 -13.65 16.19 -2.14
N ASP A 378 -13.82 16.34 -3.44
CA ASP A 378 -14.25 15.22 -4.28
C ASP A 378 -13.51 15.32 -5.62
N GLU A 379 -12.94 14.22 -6.10
CA GLU A 379 -12.31 14.30 -7.41
C GLU A 379 -13.23 15.00 -8.40
N LYS A 380 -12.65 15.95 -9.14
CA LYS A 380 -13.40 16.73 -10.13
C LYS A 380 -13.24 16.15 -11.53
N VAL A 381 -12.38 15.15 -11.68
CA VAL A 381 -12.36 14.29 -12.88
C VAL A 381 -12.64 12.89 -12.32
N ASP A 382 -13.55 12.14 -12.93
CA ASP A 382 -13.98 10.85 -12.39
C ASP A 382 -12.94 9.81 -12.71
N GLY A 383 -12.44 9.12 -11.68
CA GLY A 383 -11.35 8.15 -11.83
C GLY A 383 -9.97 8.74 -11.50
N ALA A 384 -9.93 10.00 -11.12
CA ALA A 384 -8.66 10.62 -10.88
C ALA A 384 -7.93 9.86 -9.79
N PHE A 385 -8.56 9.75 -8.63
CA PHE A 385 -8.00 9.02 -7.50
C PHE A 385 -7.75 7.57 -7.92
N ILE A 386 -6.52 7.15 -7.68
CA ILE A 386 -6.05 5.85 -8.06
C ILE A 386 -5.04 5.39 -7.03
N GLY A 387 -5.15 5.87 -5.80
CA GLY A 387 -4.37 5.31 -4.69
C GLY A 387 -4.50 3.81 -4.41
N PHE A 388 -5.56 3.15 -4.91
CA PHE A 388 -5.67 1.68 -4.89
C PHE A 388 -5.73 1.10 -6.29
N GLY A 389 -5.22 1.83 -7.26
CA GLY A 389 -5.26 1.37 -8.65
C GLY A 389 -6.66 1.44 -9.22
N ALA A 390 -6.87 0.64 -10.27
CA ALA A 390 -8.11 0.69 -11.00
C ALA A 390 -8.07 -0.36 -12.08
N GLY A 391 -9.12 -0.33 -12.88
CA GLY A 391 -9.27 -1.24 -13.96
C GLY A 391 -9.15 -2.65 -13.46
N VAL A 392 -8.38 -3.45 -14.14
CA VAL A 392 -8.28 -4.85 -13.88
C VAL A 392 -7.27 -5.14 -12.83
N HIS A 393 -6.67 -4.10 -12.30
CA HIS A 393 -5.70 -4.27 -11.26
C HIS A 393 -6.16 -3.53 -10.03
N LYS A 394 -7.45 -3.56 -9.76
CA LYS A 394 -7.93 -2.90 -8.58
C LYS A 394 -7.41 -3.66 -7.42
N CYS A 395 -6.98 -2.97 -6.39
CA CYS A 395 -6.40 -3.58 -5.23
C CYS A 395 -7.36 -4.40 -4.47
N ILE A 396 -6.97 -5.59 -4.06
CA ILE A 396 -7.85 -6.41 -3.29
C ILE A 396 -7.77 -6.22 -1.78
N GLY A 397 -6.72 -5.55 -1.33
CA GLY A 397 -6.53 -5.20 0.07
C GLY A 397 -7.32 -3.98 0.46
N GLN A 398 -7.90 -3.30 -0.50
CA GLN A 398 -8.55 -2.05 -0.20
C GLN A 398 -9.44 -2.09 1.02
N LYS A 399 -10.45 -2.97 1.04
CA LYS A 399 -11.54 -2.81 2.02
C LYS A 399 -11.01 -3.11 3.41
N PHE A 400 -10.10 -4.07 3.43
CA PHE A 400 -9.48 -4.50 4.62
C PHE A 400 -8.61 -3.42 5.20
N ALA A 401 -7.78 -2.86 4.34
CA ALA A 401 -6.93 -1.77 4.76
C ALA A 401 -7.79 -0.68 5.35
N LEU A 402 -8.80 -0.23 4.63
CA LEU A 402 -9.62 0.83 5.15
C LEU A 402 -10.19 0.42 6.45
N LEU A 403 -10.47 -0.87 6.58
CA LEU A 403 -11.03 -1.36 7.82
C LEU A 403 -10.03 -1.30 8.95
N GLN A 404 -8.84 -1.87 8.78
CA GLN A 404 -7.78 -1.71 9.81
C GLN A 404 -7.75 -0.25 10.23
N VAL A 405 -7.43 0.58 9.26
CA VAL A 405 -7.03 1.93 9.49
C VAL A 405 -8.13 2.65 10.17
N LYS A 406 -9.35 2.33 9.81
CA LYS A 406 -10.42 3.19 10.25
C LYS A 406 -10.51 2.92 11.73
N THR A 407 -10.45 1.63 12.05
CA THR A 407 -10.75 1.17 13.36
C THR A 407 -9.68 1.73 14.27
N ILE A 408 -8.46 1.73 13.76
CA ILE A 408 -7.34 2.22 14.55
C ILE A 408 -7.54 3.70 14.88
N LEU A 409 -7.83 4.51 13.91
CA LEU A 409 -8.10 5.91 14.21
C LEU A 409 -9.22 5.98 15.19
N ALA A 410 -10.31 5.28 14.90
CA ALA A 410 -11.46 5.27 15.79
C ALA A 410 -11.03 5.03 17.22
N THR A 411 -10.23 4.00 17.44
CA THR A 411 -9.85 3.62 18.79
C THR A 411 -8.89 4.62 19.38
N ALA A 412 -7.89 5.01 18.59
CA ALA A 412 -6.79 5.80 19.10
C ALA A 412 -7.10 7.28 19.31
N PHE A 413 -8.12 7.82 18.65
CA PHE A 413 -8.56 9.22 18.87
C PHE A 413 -9.71 9.29 19.84
N ARG A 414 -10.38 8.16 20.02
CA ARG A 414 -11.22 7.97 21.19
C ARG A 414 -10.17 7.60 22.21
N GLU A 415 -10.31 8.10 23.43
CA GLU A 415 -9.39 7.76 24.51
C GLU A 415 -8.02 8.49 24.48
N TYR A 416 -7.73 9.24 23.42
CA TYR A 416 -6.54 10.12 23.38
C TYR A 416 -6.81 11.41 22.66
N ASP A 417 -6.01 12.42 23.01
CA ASP A 417 -5.77 13.54 22.11
C ASP A 417 -4.29 13.50 21.80
N PHE A 418 -3.92 14.08 20.65
CA PHE A 418 -2.56 13.97 20.12
C PHE A 418 -2.02 15.33 19.77
N GLN A 419 -0.68 15.44 19.82
CA GLN A 419 -0.02 16.72 19.62
C GLN A 419 1.28 16.52 18.86
N LEU A 420 1.31 17.04 17.65
CA LEU A 420 2.51 16.99 16.82
C LEU A 420 3.55 17.97 17.39
N LEU A 421 4.81 17.54 17.53
CA LEU A 421 5.87 18.45 18.04
C LEU A 421 6.14 19.63 17.09
N ARG A 422 5.95 19.40 15.80
CA ARG A 422 6.32 20.36 14.77
C ARG A 422 5.32 21.50 14.58
N ASP A 423 5.68 22.40 13.67
CA ASP A 423 4.82 23.49 13.26
C ASP A 423 3.88 23.07 12.16
N GLU A 424 4.35 22.19 11.28
CA GLU A 424 3.48 21.61 10.27
C GLU A 424 3.79 20.13 10.02
N VAL A 425 3.02 19.54 9.12
CA VAL A 425 3.01 18.11 8.90
C VAL A 425 4.32 17.69 8.26
N PRO A 426 4.73 16.45 8.51
CA PRO A 426 6.01 16.00 7.96
C PRO A 426 6.06 16.04 6.46
N ASP A 427 7.28 15.88 5.95
CA ASP A 427 7.53 15.89 4.53
C ASP A 427 7.57 14.46 4.03
N PRO A 428 6.89 14.19 2.93
CA PRO A 428 7.11 12.86 2.39
C PRO A 428 8.60 12.57 2.20
N ASP A 429 8.98 11.31 2.26
CA ASP A 429 10.34 10.91 2.12
C ASP A 429 10.43 10.04 0.87
N TYR A 430 10.56 10.69 -0.28
CA TYR A 430 10.53 10.00 -1.56
C TYR A 430 11.68 8.99 -1.77
N HIS A 431 12.58 8.87 -0.78
CA HIS A 431 13.78 8.02 -0.88
C HIS A 431 13.59 6.53 -0.52
N THR A 432 12.47 5.91 -0.90
CA THR A 432 12.20 4.49 -0.65
C THR A 432 11.27 3.86 -1.69
N MET A 433 11.18 2.55 -1.70
CA MET A 433 10.30 1.91 -2.63
C MET A 433 8.86 2.30 -2.40
N VAL A 434 8.47 2.35 -1.14
CA VAL A 434 7.12 2.64 -0.72
C VAL A 434 7.12 3.81 0.25
N VAL A 435 6.57 4.93 -0.20
CA VAL A 435 6.80 6.22 0.43
C VAL A 435 5.85 6.56 1.55
N GLY A 436 6.42 7.05 2.64
CA GLY A 436 5.66 7.60 3.76
C GLY A 436 6.28 8.85 4.36
N PRO A 437 5.69 9.35 5.47
CA PRO A 437 6.16 10.57 6.12
C PRO A 437 7.52 10.37 6.76
N THR A 438 8.40 11.34 6.52
CA THR A 438 9.80 11.28 6.95
C THR A 438 9.92 10.83 8.39
N LEU A 439 10.65 9.73 8.54
CA LEU A 439 10.78 9.04 9.80
C LEU A 439 11.09 9.98 10.97
N ASN A 440 12.21 10.72 10.89
CA ASN A 440 12.67 11.59 12.00
C ASN A 440 11.70 12.71 12.38
N GLN A 441 10.81 13.05 11.47
CA GLN A 441 9.81 14.09 11.72
C GLN A 441 8.56 13.54 12.39
N CYS A 442 8.45 12.23 12.47
CA CYS A 442 7.20 11.63 12.95
C CYS A 442 7.05 11.58 14.47
N LEU A 443 7.82 12.38 15.21
CA LEU A 443 7.69 12.33 16.67
C LEU A 443 6.50 13.19 17.19
N VAL A 444 5.74 12.60 18.10
CA VAL A 444 4.42 13.12 18.50
C VAL A 444 4.32 12.98 20.01
N LYS A 445 3.45 13.78 20.64
CA LYS A 445 3.25 13.72 22.08
C LYS A 445 1.79 13.43 22.41
N TYR A 446 1.52 12.19 22.82
CA TYR A 446 0.17 11.82 23.22
C TYR A 446 -0.10 12.23 24.66
N THR A 447 -1.38 12.30 25.02
CA THR A 447 -1.82 12.57 26.39
C THR A 447 -3.20 11.95 26.59
N ARG A 448 -3.35 11.11 27.62
CA ARG A 448 -4.61 10.38 27.87
C ARG A 448 -5.77 11.37 28.04
N LYS A 449 -7.00 10.89 28.00
CA LYS A 449 -8.14 11.78 27.84
C LYS A 449 -9.22 11.80 28.95
N LYS A 450 -9.27 10.76 29.80
CA LYS A 450 -10.24 10.75 30.90
C LYS A 450 -9.75 9.88 32.06
#